data_2ZH4
#
_entry.id   2ZH4
#
_cell.length_a   58.024
_cell.length_b   58.024
_cell.length_c   439.407
_cell.angle_alpha   90.00
_cell.angle_beta   90.00
_cell.angle_gamma   90.00
#
_symmetry.space_group_name_H-M   'P 43 21 2'
#
loop_
_entity.id
_entity.type
_entity.pdbx_description
1 polymer 'tRNA (34-MER)'
2 polymer 'CCA-adding enzyme'
3 non-polymer 'SULFATE ION'
4 water water
#
loop_
_entity_poly.entity_id
_entity_poly.type
_entity_poly.pdbx_seq_one_letter_code
_entity_poly.pdbx_strand_id
1 'polyribonucleotide' GGCCCGGGGCGGUUCGAUUCCGCCCUGGGCCACG B
2 'polypeptide(L)'
;MKVEEILEKALELVIPDEEEVRKGREAEEELRRRLDELGVEYVFVGSYARNTWLKGSLEIDVFLLFPEEFSKEELRERGL
EIGKAVLDSYEIRYAEHPYVHGVVKGVEVDVVPCYKLKEPKNIKSAVDRTPFHHKWLEGRIKGKENEVRLLKGFLKANGI
YGAEYKVRGFSGYLCELLIVFYGSFLETVKNARRWTRRTVIDVAKGEVRKGEEFFVVDPVDEKRNVAANLSLDNLARFVH
LCREFMEAPSLGFFKPKHPLEIEPERLRKIVEERGTAVFAVKFRKPDIVDDNLYPQLERASRKIFEFLERENFMPLRSAF
KASEEFCYLLFECQIKEISRVFRRMGPQFEDERNVKKFLSRNRAFRPFIENGRWWAFEMRKFTTPEEGVRSYASTHWHTL
GKNVGESIREYFEIISGEKLFKEPVTAELCEMMGVKD
;
A
#
loop_
_chem_comp.id
_chem_comp.type
_chem_comp.name
_chem_comp.formula
A RNA linking ADENOSINE-5'-MONOPHOSPHATE 'C10 H14 N5 O7 P'
C RNA linking CYTIDINE-5'-MONOPHOSPHATE 'C9 H14 N3 O8 P'
G RNA linking GUANOSINE-5'-MONOPHOSPHATE 'C10 H14 N5 O8 P'
SO4 non-polymer 'SULFATE ION' 'O4 S -2'
U RNA linking URIDINE-5'-MONOPHOSPHATE 'C9 H13 N2 O9 P'
#
# COMPACT_ATOMS: atom_id res chain seq x y z
N MET B 1 -31.23 -5.75 11.38
CA MET B 1 -30.58 -4.43 11.63
C MET B 1 -29.52 -4.52 12.72
N LYS B 2 -29.36 -5.69 13.33
CA LYS B 2 -28.37 -5.89 14.38
C LYS B 2 -27.19 -6.72 13.86
N VAL B 3 -26.10 -6.74 14.62
CA VAL B 3 -24.90 -7.46 14.24
C VAL B 3 -24.94 -8.87 13.65
N GLU B 4 -25.61 -9.79 14.35
CA GLU B 4 -25.91 -11.12 13.84
C GLU B 4 -26.64 -11.05 12.50
N GLU B 5 -27.69 -10.25 12.48
CA GLU B 5 -28.51 -10.06 11.29
C GLU B 5 -27.62 -9.65 10.12
N ILE B 6 -26.97 -8.50 10.28
CA ILE B 6 -26.08 -7.93 9.27
C ILE B 6 -25.07 -8.93 8.74
N LEU B 7 -24.39 -9.62 9.64
CA LEU B 7 -23.38 -10.58 9.26
C LEU B 7 -23.94 -11.71 8.39
N GLU B 8 -25.20 -12.06 8.62
CA GLU B 8 -25.83 -13.12 7.84
C GLU B 8 -26.12 -12.69 6.42
N LYS B 9 -26.46 -11.42 6.25
CA LYS B 9 -26.72 -10.90 4.91
C LYS B 9 -25.40 -10.67 4.19
N ALA B 10 -24.33 -10.52 4.97
CA ALA B 10 -22.99 -10.26 4.42
C ALA B 10 -22.32 -11.51 3.87
N LEU B 11 -22.62 -12.66 4.44
CA LEU B 11 -22.03 -13.92 3.99
C LEU B 11 -22.25 -14.08 2.50
N GLU B 12 -23.29 -13.42 1.99
CA GLU B 12 -23.68 -13.46 0.60
C GLU B 12 -22.77 -12.64 -0.31
N LEU B 13 -22.09 -11.65 0.28
CA LEU B 13 -21.20 -10.77 -0.47
C LEU B 13 -19.76 -11.25 -0.42
N VAL B 14 -19.46 -12.16 0.50
CA VAL B 14 -18.10 -12.66 0.65
C VAL B 14 -17.91 -14.14 0.38
N ILE B 15 -19.01 -14.88 0.28
CA ILE B 15 -18.91 -16.31 0.02
C ILE B 15 -19.16 -16.63 -1.45
N PRO B 16 -18.20 -17.30 -2.11
CA PRO B 16 -18.37 -17.65 -3.53
C PRO B 16 -19.62 -18.50 -3.66
N ASP B 17 -20.39 -18.33 -4.73
CA ASP B 17 -21.58 -19.15 -4.93
C ASP B 17 -21.18 -20.47 -5.59
N GLU B 18 -22.06 -21.47 -5.50
CA GLU B 18 -21.79 -22.79 -6.06
C GLU B 18 -21.18 -22.87 -7.46
N GLU B 19 -21.51 -21.89 -8.32
CA GLU B 19 -20.98 -21.86 -9.67
C GLU B 19 -19.49 -21.50 -9.67
N GLU B 20 -19.10 -20.58 -8.78
CA GLU B 20 -17.69 -20.18 -8.69
C GLU B 20 -16.89 -21.31 -8.01
N VAL B 21 -17.54 -21.99 -7.08
CA VAL B 21 -16.92 -23.09 -6.36
C VAL B 21 -16.73 -24.31 -7.27
N ARG B 22 -17.74 -24.62 -8.08
CA ARG B 22 -17.67 -25.75 -9.00
C ARG B 22 -16.61 -25.51 -10.06
N LYS B 23 -16.60 -24.29 -10.59
CA LYS B 23 -15.64 -23.89 -11.60
C LYS B 23 -14.24 -24.11 -11.05
N GLY B 24 -14.09 -23.93 -9.74
CA GLY B 24 -12.81 -24.11 -9.09
C GLY B 24 -12.41 -25.55 -8.88
N ARG B 25 -13.40 -26.38 -8.50
CA ARG B 25 -13.17 -27.81 -8.27
C ARG B 25 -12.81 -28.50 -9.58
N GLU B 26 -13.56 -28.18 -10.64
CA GLU B 26 -13.32 -28.76 -11.95
C GLU B 26 -11.94 -28.34 -12.46
N ALA B 27 -11.54 -27.12 -12.16
CA ALA B 27 -10.24 -26.62 -12.57
C ALA B 27 -9.15 -27.31 -11.74
N GLU B 28 -9.41 -27.50 -10.46
CA GLU B 28 -8.46 -28.16 -9.57
C GLU B 28 -8.28 -29.62 -9.96
N GLU B 29 -9.39 -30.35 -10.06
CA GLU B 29 -9.33 -31.76 -10.45
C GLU B 29 -8.58 -31.90 -11.75
N GLU B 30 -8.96 -31.11 -12.75
CA GLU B 30 -8.30 -31.17 -14.07
C GLU B 30 -6.81 -30.88 -14.01
N LEU B 31 -6.42 -30.02 -13.08
CA LEU B 31 -5.03 -29.62 -12.90
C LEU B 31 -4.20 -30.73 -12.25
N ARG B 32 -4.83 -31.47 -11.34
CA ARG B 32 -4.14 -32.56 -10.68
C ARG B 32 -3.79 -33.62 -11.72
N ARG B 33 -4.73 -33.86 -12.62
CA ARG B 33 -4.53 -34.85 -13.67
C ARG B 33 -3.36 -34.51 -14.58
N ARG B 34 -3.26 -33.24 -14.99
CA ARG B 34 -2.18 -32.81 -15.86
C ARG B 34 -0.83 -32.92 -15.16
N LEU B 35 -0.80 -32.53 -13.89
CA LEU B 35 0.43 -32.59 -13.10
C LEU B 35 0.79 -34.02 -12.76
N ASP B 36 -0.24 -34.85 -12.55
CA ASP B 36 0.01 -36.25 -12.22
C ASP B 36 0.54 -37.00 -13.44
N GLU B 37 0.00 -36.70 -14.61
CA GLU B 37 0.45 -37.37 -15.82
C GLU B 37 1.95 -37.16 -15.98
N LEU B 38 2.45 -36.04 -15.45
CA LEU B 38 3.87 -35.75 -15.53
C LEU B 38 4.57 -36.25 -14.27
N GLY B 39 3.76 -36.71 -13.31
CA GLY B 39 4.29 -37.23 -12.06
C GLY B 39 5.17 -36.31 -11.26
N VAL B 40 4.83 -35.03 -11.24
CA VAL B 40 5.59 -34.02 -10.51
C VAL B 40 5.14 -33.96 -9.04
N GLU B 41 6.07 -33.62 -8.15
CA GLU B 41 5.74 -33.50 -6.74
C GLU B 41 5.25 -32.08 -6.52
N TYR B 42 3.99 -31.94 -6.11
CA TYR B 42 3.39 -30.63 -5.89
C TYR B 42 2.46 -30.60 -4.69
N VAL B 43 2.14 -29.39 -4.24
CA VAL B 43 1.21 -29.24 -3.12
C VAL B 43 0.36 -27.98 -3.32
N PHE B 44 -0.95 -28.13 -3.19
CA PHE B 44 -1.87 -26.99 -3.33
C PHE B 44 -1.90 -26.22 -2.01
N VAL B 45 -1.68 -24.92 -2.08
CA VAL B 45 -1.69 -24.10 -0.88
C VAL B 45 -2.53 -22.84 -1.10
N GLY B 46 -2.35 -21.84 -0.26
CA GLY B 46 -3.10 -20.60 -0.38
C GLY B 46 -4.52 -20.72 0.11
N SER B 47 -5.32 -19.68 -0.14
CA SER B 47 -6.71 -19.65 0.26
C SER B 47 -7.61 -20.55 -0.57
N TYR B 48 -7.09 -21.08 -1.67
CA TYR B 48 -7.94 -21.98 -2.44
C TYR B 48 -7.93 -23.34 -1.75
N ALA B 49 -6.75 -23.79 -1.34
CA ALA B 49 -6.62 -25.07 -0.68
C ALA B 49 -7.41 -25.10 0.62
N ARG B 50 -7.56 -23.94 1.25
CA ARG B 50 -8.29 -23.85 2.50
C ARG B 50 -9.71 -23.32 2.38
N ASN B 51 -10.17 -23.08 1.16
CA ASN B 51 -11.52 -22.57 0.95
C ASN B 51 -11.77 -21.32 1.77
N THR B 52 -10.84 -20.37 1.70
CA THR B 52 -10.94 -19.11 2.43
C THR B 52 -10.79 -17.93 1.48
N TRP B 53 -10.83 -18.21 0.18
CA TRP B 53 -10.70 -17.15 -0.82
C TRP B 53 -11.99 -16.33 -0.87
N LEU B 54 -11.84 -15.02 -0.97
CA LEU B 54 -12.98 -14.12 -1.02
C LEU B 54 -13.72 -14.25 -2.34
N LYS B 55 -15.05 -14.16 -2.27
CA LYS B 55 -15.90 -14.26 -3.44
C LYS B 55 -15.36 -13.34 -4.54
N GLY B 56 -15.19 -13.90 -5.73
CA GLY B 56 -14.68 -13.11 -6.84
C GLY B 56 -13.17 -13.11 -6.99
N SER B 57 -12.48 -13.79 -6.07
CA SER B 57 -11.02 -13.86 -6.11
C SER B 57 -10.49 -15.27 -6.22
N LEU B 58 -11.18 -16.11 -7.00
CA LEU B 58 -10.76 -17.49 -7.19
C LEU B 58 -9.42 -17.61 -7.91
N GLU B 59 -8.39 -18.03 -7.19
CA GLU B 59 -7.07 -18.22 -7.77
C GLU B 59 -6.43 -19.44 -7.13
N ILE B 60 -6.00 -20.38 -7.95
CA ILE B 60 -5.39 -21.61 -7.43
C ILE B 60 -3.88 -21.51 -7.35
N ASP B 61 -3.34 -21.81 -6.16
CA ASP B 61 -1.90 -21.78 -5.97
C ASP B 61 -1.38 -23.21 -5.95
N VAL B 62 -0.46 -23.52 -6.84
CA VAL B 62 0.14 -24.84 -6.93
C VAL B 62 1.64 -24.69 -6.75
N PHE B 63 2.15 -25.20 -5.65
CA PHE B 63 3.58 -25.12 -5.38
C PHE B 63 4.30 -26.42 -5.72
N LEU B 64 5.31 -26.31 -6.56
CA LEU B 64 6.11 -27.45 -7.01
C LEU B 64 7.27 -27.66 -6.05
N LEU B 65 7.32 -28.84 -5.44
CA LEU B 65 8.36 -29.16 -4.46
C LEU B 65 9.67 -29.69 -5.05
N PHE B 66 10.76 -28.97 -4.78
CA PHE B 66 12.06 -29.35 -5.29
C PHE B 66 13.03 -29.68 -4.15
N PRO B 67 13.94 -30.61 -4.38
CA PRO B 67 14.92 -30.99 -3.35
C PRO B 67 15.80 -29.82 -2.91
N GLU B 68 16.16 -29.84 -1.63
CA GLU B 68 16.97 -28.80 -1.03
C GLU B 68 18.30 -28.52 -1.75
N GLU B 69 18.85 -29.53 -2.43
CA GLU B 69 20.12 -29.36 -3.12
C GLU B 69 20.10 -28.69 -4.49
N PHE B 70 18.93 -28.62 -5.12
CA PHE B 70 18.79 -28.00 -6.43
C PHE B 70 19.23 -26.54 -6.38
N SER B 71 19.69 -26.06 -7.54
CA SER B 71 20.13 -24.68 -7.70
C SER B 71 18.89 -23.85 -7.98
N LYS B 72 18.95 -22.56 -7.69
CA LYS B 72 17.81 -21.68 -7.93
C LYS B 72 17.47 -21.72 -9.42
N GLU B 73 18.49 -21.88 -10.25
CA GLU B 73 18.32 -21.94 -11.70
C GLU B 73 17.49 -23.16 -12.13
N GLU B 74 17.71 -24.30 -11.50
CA GLU B 74 16.94 -25.49 -11.84
C GLU B 74 15.45 -25.26 -11.56
N LEU B 75 15.14 -24.75 -10.37
CA LEU B 75 13.74 -24.49 -9.99
C LEU B 75 13.02 -23.60 -11.02
N ARG B 76 13.68 -22.54 -11.47
CA ARG B 76 13.03 -21.67 -12.45
C ARG B 76 12.97 -22.32 -13.83
N GLU B 77 13.99 -23.09 -14.22
CA GLU B 77 13.93 -23.74 -15.51
C GLU B 77 12.90 -24.87 -15.48
N ARG B 78 13.10 -25.81 -14.56
CA ARG B 78 12.16 -26.91 -14.40
C ARG B 78 10.76 -26.37 -14.15
N GLY B 79 10.69 -25.35 -13.29
CA GLY B 79 9.43 -24.72 -12.97
C GLY B 79 8.69 -24.17 -14.17
N LEU B 80 9.43 -23.58 -15.11
CA LEU B 80 8.80 -23.04 -16.31
C LEU B 80 8.37 -24.20 -17.22
N GLU B 81 9.20 -25.23 -17.30
CA GLU B 81 8.90 -26.40 -18.11
C GLU B 81 7.53 -26.93 -17.69
N ILE B 82 7.42 -27.27 -16.40
CA ILE B 82 6.19 -27.82 -15.85
C ILE B 82 5.01 -26.87 -16.03
N GLY B 83 5.22 -25.60 -15.70
CA GLY B 83 4.15 -24.62 -15.84
C GLY B 83 3.59 -24.55 -17.26
N LYS B 84 4.49 -24.38 -18.22
CA LYS B 84 4.14 -24.29 -19.63
C LYS B 84 3.28 -25.48 -20.08
N ALA B 85 3.75 -26.68 -19.76
CA ALA B 85 3.07 -27.92 -20.15
C ALA B 85 1.70 -28.14 -19.54
N VAL B 86 1.52 -27.64 -18.32
CA VAL B 86 0.29 -27.85 -17.58
C VAL B 86 -0.80 -26.77 -17.65
N LEU B 87 -0.49 -25.63 -18.27
CA LEU B 87 -1.45 -24.53 -18.37
C LEU B 87 -1.98 -24.25 -19.77
N ASP B 88 -3.27 -23.92 -19.85
CA ASP B 88 -3.91 -23.58 -21.12
C ASP B 88 -3.16 -22.39 -21.76
N SER B 89 -3.02 -21.32 -20.99
CA SER B 89 -2.32 -20.10 -21.41
C SER B 89 -1.32 -19.81 -20.31
N TYR B 90 -0.05 -19.64 -20.66
CA TYR B 90 0.93 -19.34 -19.62
C TYR B 90 1.47 -17.93 -19.76
N GLU B 91 2.35 -17.55 -18.84
CA GLU B 91 2.93 -16.22 -18.84
C GLU B 91 3.87 -16.09 -17.65
N ILE B 92 5.15 -15.90 -17.92
CA ILE B 92 6.13 -15.75 -16.85
C ILE B 92 5.82 -14.50 -16.04
N ARG B 93 6.04 -14.60 -14.73
CA ARG B 93 5.80 -13.51 -13.81
C ARG B 93 7.03 -13.44 -12.90
N TYR B 94 7.13 -12.39 -12.08
CA TYR B 94 8.27 -12.23 -11.18
C TYR B 94 7.94 -11.65 -9.80
N ALA B 95 8.69 -12.11 -8.82
CA ALA B 95 8.60 -11.68 -7.43
C ALA B 95 10.06 -11.78 -6.96
N GLU B 96 10.32 -12.57 -5.92
CA GLU B 96 11.70 -12.74 -5.45
C GLU B 96 12.43 -13.54 -6.54
N HIS B 97 11.72 -14.52 -7.09
CA HIS B 97 12.24 -15.36 -8.16
C HIS B 97 11.12 -15.54 -9.17
N PRO B 98 11.48 -15.78 -10.44
CA PRO B 98 10.44 -15.98 -11.47
C PRO B 98 9.55 -17.20 -11.22
N TYR B 99 8.30 -17.11 -11.66
CA TYR B 99 7.33 -18.20 -11.54
C TYR B 99 6.39 -18.14 -12.74
N VAL B 100 5.34 -18.97 -12.76
CA VAL B 100 4.44 -18.96 -13.91
C VAL B 100 2.97 -18.80 -13.57
N HIS B 101 2.29 -17.90 -14.25
CA HIS B 101 0.87 -17.66 -14.01
C HIS B 101 0.10 -18.13 -15.25
N GLY B 102 -1.17 -18.49 -15.07
CA GLY B 102 -1.94 -18.94 -16.22
C GLY B 102 -3.39 -19.30 -15.95
N VAL B 103 -4.01 -19.99 -16.90
CA VAL B 103 -5.41 -20.39 -16.78
C VAL B 103 -5.68 -21.86 -17.12
N VAL B 104 -6.58 -22.48 -16.36
CA VAL B 104 -7.01 -23.86 -16.56
C VAL B 104 -8.54 -23.87 -16.40
N LYS B 105 -9.24 -24.41 -17.38
CA LYS B 105 -10.70 -24.46 -17.36
C LYS B 105 -11.32 -23.20 -16.81
N GLY B 106 -10.85 -22.06 -17.32
CA GLY B 106 -11.39 -20.77 -16.92
C GLY B 106 -10.99 -20.13 -15.60
N VAL B 107 -10.07 -20.72 -14.84
CA VAL B 107 -9.69 -20.09 -13.58
C VAL B 107 -8.19 -19.76 -13.51
N GLU B 108 -7.89 -18.70 -12.76
CA GLU B 108 -6.52 -18.22 -12.57
C GLU B 108 -5.70 -19.23 -11.77
N VAL B 109 -4.43 -19.40 -12.15
CA VAL B 109 -3.55 -20.34 -11.48
C VAL B 109 -2.12 -19.83 -11.39
N ASP B 110 -1.50 -20.00 -10.22
CA ASP B 110 -0.11 -19.64 -10.01
C ASP B 110 0.66 -20.95 -9.86
N VAL B 111 1.82 -21.03 -10.49
CA VAL B 111 2.68 -22.22 -10.39
C VAL B 111 4.02 -21.71 -9.91
N VAL B 112 4.32 -21.99 -8.65
CA VAL B 112 5.53 -21.50 -8.03
C VAL B 112 6.51 -22.54 -7.54
N PRO B 113 7.77 -22.47 -7.99
CA PRO B 113 8.77 -23.44 -7.55
C PRO B 113 9.25 -23.09 -6.14
N CYS B 114 9.39 -24.09 -5.28
CA CYS B 114 9.88 -23.86 -3.93
C CYS B 114 10.61 -25.10 -3.45
N TYR B 115 11.39 -24.96 -2.37
CA TYR B 115 12.14 -26.07 -1.82
C TYR B 115 11.37 -26.90 -0.80
N LYS B 116 11.47 -28.22 -0.92
CA LYS B 116 10.79 -29.10 0.02
C LYS B 116 11.73 -29.20 1.22
N LEU B 117 11.30 -28.66 2.36
CA LEU B 117 12.14 -28.67 3.55
C LEU B 117 11.30 -29.01 4.77
N LYS B 118 11.98 -29.23 5.89
CA LYS B 118 11.28 -29.47 7.14
C LYS B 118 11.90 -28.51 8.15
N GLU B 119 11.07 -27.96 9.03
CA GLU B 119 11.52 -26.98 10.01
C GLU B 119 11.74 -25.65 9.26
N PRO B 120 10.94 -24.63 9.61
CA PRO B 120 10.96 -23.28 9.03
C PRO B 120 12.36 -22.75 8.70
N LYS B 121 13.35 -23.13 9.49
CA LYS B 121 14.72 -22.69 9.23
C LYS B 121 15.16 -23.46 7.99
N ASN B 122 16.35 -23.15 7.47
CA ASN B 122 16.88 -23.80 6.27
C ASN B 122 16.25 -23.12 5.06
N ILE B 123 15.19 -22.36 5.33
CA ILE B 123 14.48 -21.63 4.29
C ILE B 123 15.48 -20.89 3.43
N LYS B 124 15.27 -20.92 2.12
CA LYS B 124 16.17 -20.25 1.19
C LYS B 124 15.50 -19.05 0.55
N SER B 125 14.19 -19.15 0.34
CA SER B 125 13.44 -18.07 -0.26
C SER B 125 12.10 -17.90 0.43
N ALA B 126 11.63 -16.66 0.49
CA ALA B 126 10.37 -16.35 1.14
C ALA B 126 9.26 -17.35 0.78
N VAL B 127 9.26 -17.81 -0.47
CA VAL B 127 8.24 -18.75 -0.92
C VAL B 127 8.31 -20.12 -0.25
N ASP B 128 9.46 -20.46 0.33
CA ASP B 128 9.61 -21.76 0.98
C ASP B 128 8.72 -21.88 2.21
N ARG B 129 8.40 -20.75 2.80
CA ARG B 129 7.57 -20.69 4.00
C ARG B 129 6.11 -20.93 3.70
N THR B 130 5.67 -20.53 2.51
CA THR B 130 4.28 -20.70 2.12
C THR B 130 3.73 -22.08 2.46
N PRO B 131 4.49 -23.14 2.18
CA PRO B 131 4.00 -24.49 2.50
C PRO B 131 3.80 -24.71 4.00
N PHE B 132 4.68 -24.14 4.81
CA PHE B 132 4.59 -24.29 6.26
C PHE B 132 3.37 -23.55 6.79
N HIS B 133 3.17 -22.34 6.29
CA HIS B 133 2.04 -21.53 6.69
C HIS B 133 0.77 -22.34 6.43
N HIS B 134 0.78 -23.10 5.34
CA HIS B 134 -0.38 -23.90 4.99
C HIS B 134 -0.61 -25.05 5.96
N LYS B 135 0.46 -25.75 6.35
CA LYS B 135 0.33 -26.86 7.28
C LYS B 135 -0.19 -26.37 8.61
N TRP B 136 0.37 -25.25 9.08
CA TRP B 136 -0.03 -24.69 10.37
C TRP B 136 -1.48 -24.25 10.36
N LEU B 137 -1.96 -23.84 9.19
CA LEU B 137 -3.31 -23.32 9.07
C LEU B 137 -4.42 -24.31 8.74
N GLU B 138 -4.13 -25.26 7.86
CA GLU B 138 -5.14 -26.22 7.45
C GLU B 138 -5.88 -26.83 8.61
N GLY B 139 -5.15 -27.33 9.59
CA GLY B 139 -5.79 -27.94 10.73
C GLY B 139 -6.57 -26.98 11.61
N ARG B 140 -6.01 -25.81 11.86
CA ARG B 140 -6.65 -24.83 12.73
C ARG B 140 -7.72 -23.90 12.16
N ILE B 141 -7.79 -23.75 10.85
CA ILE B 141 -8.79 -22.86 10.27
C ILE B 141 -10.05 -23.60 9.85
N LYS B 142 -9.96 -24.92 9.76
CA LYS B 142 -11.08 -25.76 9.36
C LYS B 142 -12.34 -25.34 10.14
N GLY B 143 -13.45 -25.19 9.43
CA GLY B 143 -14.70 -24.80 10.07
C GLY B 143 -14.90 -23.32 10.33
N LYS B 144 -13.96 -22.47 9.93
CA LYS B 144 -14.10 -21.02 10.17
C LYS B 144 -13.86 -20.18 8.92
N GLU B 145 -13.87 -20.82 7.76
CA GLU B 145 -13.62 -20.13 6.50
C GLU B 145 -14.54 -18.95 6.23
N ASN B 146 -15.78 -19.01 6.71
CA ASN B 146 -16.68 -17.89 6.46
C ASN B 146 -16.29 -16.68 7.31
N GLU B 147 -15.62 -16.94 8.43
CA GLU B 147 -15.19 -15.84 9.29
C GLU B 147 -14.04 -15.15 8.56
N VAL B 148 -13.16 -15.94 7.97
CA VAL B 148 -12.05 -15.41 7.21
C VAL B 148 -12.59 -14.50 6.11
N ARG B 149 -13.57 -15.01 5.35
CA ARG B 149 -14.20 -14.26 4.26
C ARG B 149 -14.87 -12.95 4.70
N LEU B 150 -15.65 -13.00 5.77
CA LEU B 150 -16.29 -11.78 6.26
C LEU B 150 -15.20 -10.72 6.52
N LEU B 151 -14.09 -11.14 7.13
CA LEU B 151 -13.01 -10.22 7.44
C LEU B 151 -12.36 -9.65 6.17
N LYS B 152 -12.07 -10.55 5.22
CA LYS B 152 -11.48 -10.13 3.96
C LYS B 152 -12.42 -9.16 3.24
N GLY B 153 -13.72 -9.47 3.30
CA GLY B 153 -14.71 -8.63 2.66
C GLY B 153 -14.78 -7.26 3.29
N PHE B 154 -14.73 -7.25 4.61
CA PHE B 154 -14.75 -6.03 5.38
C PHE B 154 -13.58 -5.14 5.01
N LEU B 155 -12.39 -5.73 4.98
CA LEU B 155 -11.16 -5.00 4.66
C LEU B 155 -11.11 -4.47 3.24
N LYS B 156 -11.49 -5.31 2.29
CA LYS B 156 -11.47 -4.93 0.89
C LYS B 156 -12.46 -3.81 0.58
N ALA B 157 -13.67 -3.91 1.12
CA ALA B 157 -14.69 -2.92 0.90
C ALA B 157 -14.19 -1.55 1.34
N ASN B 158 -13.38 -1.54 2.40
CA ASN B 158 -12.83 -0.30 2.92
C ASN B 158 -11.41 -0.01 2.44
N GLY B 159 -11.08 -0.56 1.28
CA GLY B 159 -9.79 -0.34 0.64
C GLY B 159 -8.50 -0.64 1.37
N ILE B 160 -8.55 -1.53 2.35
CA ILE B 160 -7.36 -1.88 3.11
C ILE B 160 -7.13 -3.37 3.16
N TYR B 161 -7.55 -4.10 2.14
CA TYR B 161 -7.34 -5.55 2.16
C TYR B 161 -5.94 -6.01 1.74
N GLY B 162 -5.56 -5.88 0.48
CA GLY B 162 -4.23 -6.37 0.14
C GLY B 162 -3.00 -5.89 0.93
N ALA B 163 -1.91 -6.67 0.91
CA ALA B 163 -0.68 -6.29 1.63
C ALA B 163 0.42 -5.77 0.71
N GLU B 164 0.15 -5.70 -0.59
CA GLU B 164 1.13 -5.18 -1.52
C GLU B 164 1.28 -3.66 -1.28
N TYR B 165 2.36 -3.08 -1.81
CA TYR B 165 2.65 -1.66 -1.62
C TYR B 165 1.63 -0.65 -2.08
N LYS B 166 0.76 -1.02 -3.02
CA LYS B 166 -0.24 -0.08 -3.46
C LYS B 166 -1.30 0.11 -2.34
N VAL B 167 -1.48 -0.91 -1.50
CA VAL B 167 -2.46 -0.84 -0.42
C VAL B 167 -1.89 -0.71 0.98
N ARG B 168 -0.86 -1.49 1.31
CA ARG B 168 -0.28 -1.46 2.66
C ARG B 168 -1.35 -1.83 3.70
N GLY B 169 -2.06 -2.90 3.40
CA GLY B 169 -3.11 -3.35 4.30
C GLY B 169 -2.87 -4.73 4.84
N PHE B 170 -3.97 -5.46 5.07
CA PHE B 170 -3.96 -6.81 5.63
C PHE B 170 -3.88 -8.09 4.79
N SER B 171 -2.73 -8.75 4.73
CA SER B 171 -2.57 -9.85 3.80
C SER B 171 -3.63 -10.92 4.11
N GLY B 172 -3.84 -11.85 3.17
CA GLY B 172 -4.80 -12.90 3.41
C GLY B 172 -4.40 -13.65 4.66
N TYR B 173 -3.16 -14.14 4.67
CA TYR B 173 -2.58 -14.88 5.77
C TYR B 173 -2.80 -14.20 7.12
N LEU B 174 -2.71 -12.87 7.12
CA LEU B 174 -2.92 -12.13 8.36
C LEU B 174 -4.35 -12.35 8.83
N CYS B 175 -5.31 -12.27 7.92
CA CYS B 175 -6.71 -12.45 8.25
C CYS B 175 -6.99 -13.81 8.88
N GLU B 176 -6.38 -14.85 8.33
CA GLU B 176 -6.58 -16.20 8.86
C GLU B 176 -5.93 -16.37 10.22
N LEU B 177 -4.75 -15.79 10.40
CA LEU B 177 -4.08 -15.88 11.68
C LEU B 177 -4.98 -15.18 12.70
N LEU B 178 -5.60 -14.08 12.31
CA LEU B 178 -6.48 -13.35 13.22
C LEU B 178 -7.73 -14.16 13.60
N ILE B 179 -8.27 -14.90 12.64
CA ILE B 179 -9.45 -15.69 12.93
C ILE B 179 -9.10 -16.85 13.86
N VAL B 180 -7.90 -17.39 13.71
CA VAL B 180 -7.47 -18.50 14.55
C VAL B 180 -7.25 -18.01 16.00
N PHE B 181 -7.01 -16.71 16.13
CA PHE B 181 -6.75 -16.09 17.43
C PHE B 181 -8.03 -15.70 18.18
N TYR B 182 -8.89 -14.96 17.50
CA TYR B 182 -10.15 -14.48 18.08
C TYR B 182 -11.34 -15.42 17.91
N GLY B 183 -11.25 -16.34 16.95
CA GLY B 183 -12.32 -17.30 16.74
C GLY B 183 -13.38 -16.97 15.71
N SER B 184 -13.57 -15.68 15.45
CA SER B 184 -14.58 -15.25 14.49
C SER B 184 -14.37 -13.77 14.14
N PHE B 185 -15.02 -13.35 13.06
CA PHE B 185 -14.94 -11.97 12.60
C PHE B 185 -15.36 -10.98 13.66
N LEU B 186 -16.47 -11.27 14.34
CA LEU B 186 -16.98 -10.39 15.39
C LEU B 186 -15.96 -10.18 16.51
N GLU B 187 -15.41 -11.26 17.04
CA GLU B 187 -14.43 -11.15 18.11
C GLU B 187 -13.20 -10.39 17.66
N THR B 188 -12.85 -10.55 16.38
CA THR B 188 -11.70 -9.86 15.82
C THR B 188 -12.01 -8.38 15.87
N VAL B 189 -13.14 -8.01 15.27
CA VAL B 189 -13.58 -6.63 15.25
C VAL B 189 -13.71 -6.03 16.65
N LYS B 190 -14.27 -6.79 17.59
CA LYS B 190 -14.47 -6.33 18.96
C LYS B 190 -13.18 -6.00 19.71
N ASN B 191 -12.18 -6.85 19.54
CA ASN B 191 -10.89 -6.66 20.19
C ASN B 191 -10.00 -5.67 19.46
N ALA B 192 -10.13 -5.60 18.14
CA ALA B 192 -9.33 -4.67 17.35
C ALA B 192 -9.64 -3.26 17.83
N ARG B 193 -10.84 -3.06 18.36
CA ARG B 193 -11.24 -1.76 18.88
C ARG B 193 -10.25 -1.24 19.92
N ARG B 194 -9.55 -2.15 20.60
CA ARG B 194 -8.57 -1.79 21.63
C ARG B 194 -7.12 -1.89 21.15
N TRP B 195 -6.89 -2.07 19.85
CA TRP B 195 -5.52 -2.15 19.34
C TRP B 195 -4.81 -0.78 19.38
N THR B 196 -3.48 -0.82 19.55
CA THR B 196 -2.67 0.38 19.59
C THR B 196 -1.51 0.16 18.65
N ARG B 197 -0.65 1.16 18.50
CA ARG B 197 0.51 1.02 17.60
C ARG B 197 1.65 0.25 18.27
N ARG B 198 1.39 -0.24 19.48
CA ARG B 198 2.38 -1.00 20.26
C ARG B 198 1.90 -2.43 20.48
N THR B 199 0.77 -2.76 19.89
CA THR B 199 0.19 -4.07 20.06
C THR B 199 0.86 -5.22 19.31
N VAL B 200 1.18 -6.26 20.06
CA VAL B 200 1.80 -7.44 19.49
C VAL B 200 0.85 -8.63 19.71
N ILE B 201 0.60 -9.37 18.63
CA ILE B 201 -0.27 -10.53 18.67
C ILE B 201 0.58 -11.75 18.29
N ASP B 202 0.78 -12.64 19.26
CA ASP B 202 1.59 -13.84 19.08
C ASP B 202 0.65 -15.06 19.12
N VAL B 203 0.18 -15.48 17.95
CA VAL B 203 -0.73 -16.61 17.82
C VAL B 203 -0.22 -17.84 18.53
N ALA B 204 1.03 -18.21 18.23
CA ALA B 204 1.66 -19.39 18.80
C ALA B 204 1.56 -19.46 20.32
N LYS B 205 1.75 -18.32 20.98
CA LYS B 205 1.71 -18.27 22.43
C LYS B 205 0.35 -17.89 22.97
N GLY B 206 -0.64 -17.74 22.08
CA GLY B 206 -1.98 -17.36 22.50
C GLY B 206 -1.94 -16.17 23.43
N GLU B 207 -1.21 -15.13 23.04
CA GLU B 207 -1.03 -13.96 23.88
C GLU B 207 -0.98 -12.62 23.12
N VAL B 208 -1.33 -11.55 23.82
CA VAL B 208 -1.29 -10.20 23.27
C VAL B 208 -0.46 -9.37 24.23
N ARG B 209 0.61 -8.78 23.73
CA ARG B 209 1.45 -7.95 24.58
C ARG B 209 1.76 -6.60 23.95
N LYS B 210 2.61 -5.84 24.63
CA LYS B 210 3.00 -4.51 24.17
C LYS B 210 4.43 -4.55 23.66
N GLY B 211 4.62 -4.10 22.43
CA GLY B 211 5.96 -4.07 21.83
C GLY B 211 6.29 -2.64 21.43
N GLU B 212 7.20 -2.49 20.49
CA GLU B 212 7.58 -1.16 20.04
C GLU B 212 6.80 -0.76 18.80
N GLU B 213 6.23 -1.75 18.12
CA GLU B 213 5.46 -1.50 16.91
C GLU B 213 4.35 -2.55 16.85
N PHE B 214 3.40 -2.38 15.95
CA PHE B 214 2.32 -3.34 15.79
C PHE B 214 3.00 -4.59 15.21
N PHE B 215 2.93 -5.70 15.93
CA PHE B 215 3.60 -6.90 15.48
C PHE B 215 2.75 -8.16 15.68
N VAL B 216 2.48 -8.87 14.58
CA VAL B 216 1.73 -10.11 14.64
C VAL B 216 2.78 -11.20 14.35
N VAL B 217 3.12 -12.00 15.35
CA VAL B 217 4.15 -13.01 15.12
C VAL B 217 3.70 -14.23 14.35
N ASP B 218 4.48 -14.55 13.33
CA ASP B 218 4.25 -15.68 12.46
C ASP B 218 4.41 -16.97 13.27
N PRO B 219 3.37 -17.83 13.31
CA PRO B 219 3.47 -19.08 14.07
C PRO B 219 4.66 -19.93 13.62
N VAL B 220 5.01 -19.77 12.35
CA VAL B 220 6.10 -20.54 11.75
C VAL B 220 7.48 -19.92 11.91
N ASP B 221 7.55 -18.66 12.30
CA ASP B 221 8.84 -17.98 12.45
C ASP B 221 8.66 -16.77 13.36
N GLU B 222 9.00 -16.93 14.63
CA GLU B 222 8.86 -15.86 15.61
C GLU B 222 9.49 -14.52 15.23
N LYS B 223 10.49 -14.54 14.37
CA LYS B 223 11.16 -13.31 13.98
C LYS B 223 10.48 -12.52 12.87
N ARG B 224 9.49 -13.14 12.24
CA ARG B 224 8.76 -12.55 11.15
C ARG B 224 7.44 -11.88 11.59
N ASN B 225 7.20 -10.65 11.12
CA ASN B 225 5.98 -9.91 11.44
C ASN B 225 4.99 -10.09 10.29
N VAL B 226 3.88 -10.78 10.54
CA VAL B 226 2.89 -11.01 9.48
C VAL B 226 2.27 -9.72 8.94
N ALA B 227 2.21 -8.69 9.77
CA ALA B 227 1.62 -7.40 9.39
C ALA B 227 2.70 -6.35 9.13
N ALA B 228 3.87 -6.82 8.72
CA ALA B 228 5.00 -5.94 8.44
C ALA B 228 4.64 -4.75 7.52
N ASN B 229 3.92 -5.01 6.44
CA ASN B 229 3.61 -3.93 5.55
C ASN B 229 2.25 -3.26 5.75
N LEU B 230 1.72 -3.37 6.96
CA LEU B 230 0.46 -2.70 7.30
C LEU B 230 0.88 -1.34 7.84
N SER B 231 0.56 -0.29 7.10
CA SER B 231 0.93 1.07 7.50
C SER B 231 0.25 1.52 8.78
N LEU B 232 0.85 2.50 9.44
CA LEU B 232 0.29 3.04 10.67
C LEU B 232 -1.12 3.60 10.46
N ASP B 233 -1.30 4.36 9.39
CA ASP B 233 -2.60 4.97 9.12
C ASP B 233 -3.68 3.95 8.75
N ASN B 234 -3.29 2.86 8.10
CA ASN B 234 -4.28 1.84 7.74
C ASN B 234 -4.64 1.00 8.97
N LEU B 235 -3.71 0.90 9.91
CA LEU B 235 -3.95 0.16 11.15
C LEU B 235 -4.98 0.97 11.90
N ALA B 236 -4.76 2.29 11.89
CA ALA B 236 -5.64 3.25 12.56
C ALA B 236 -7.04 3.24 11.97
N ARG B 237 -7.14 3.23 10.64
CA ARG B 237 -8.44 3.22 9.99
C ARG B 237 -9.25 1.98 10.37
N PHE B 238 -8.59 0.83 10.45
CA PHE B 238 -9.27 -0.40 10.81
C PHE B 238 -9.81 -0.32 12.25
N VAL B 239 -8.98 0.15 13.17
CA VAL B 239 -9.43 0.27 14.55
C VAL B 239 -10.66 1.19 14.60
N HIS B 240 -10.66 2.24 13.79
CA HIS B 240 -11.78 3.16 13.79
C HIS B 240 -13.01 2.55 13.14
N LEU B 241 -12.81 1.87 12.02
CA LEU B 241 -13.93 1.20 11.36
C LEU B 241 -14.58 0.23 12.34
N CYS B 242 -13.77 -0.51 13.07
CA CYS B 242 -14.28 -1.47 14.04
C CYS B 242 -15.11 -0.83 15.13
N ARG B 243 -14.73 0.38 15.53
CA ARG B 243 -15.49 1.07 16.57
C ARG B 243 -16.84 1.52 16.02
N GLU B 244 -16.81 2.05 14.80
CA GLU B 244 -18.00 2.52 14.12
C GLU B 244 -18.91 1.35 13.79
N PHE B 245 -18.32 0.21 13.46
CA PHE B 245 -19.14 -0.95 13.11
C PHE B 245 -19.95 -1.47 14.28
N MET B 246 -19.29 -1.63 15.42
CA MET B 246 -19.96 -2.12 16.63
C MET B 246 -20.97 -1.11 17.14
N GLU B 247 -20.80 0.15 16.76
CA GLU B 247 -21.70 1.18 17.21
C GLU B 247 -22.94 1.21 16.31
N ALA B 248 -22.73 1.07 15.00
CA ALA B 248 -23.82 1.08 14.04
C ALA B 248 -23.62 0.01 12.96
N PRO B 249 -23.87 -1.26 13.32
CA PRO B 249 -23.72 -2.36 12.37
C PRO B 249 -24.46 -2.09 11.06
N SER B 250 -23.75 -2.09 9.94
CA SER B 250 -24.40 -1.85 8.65
C SER B 250 -23.86 -2.78 7.58
N LEU B 251 -24.75 -3.19 6.68
CA LEU B 251 -24.33 -4.08 5.59
C LEU B 251 -23.46 -3.27 4.66
N GLY B 252 -23.45 -1.96 4.87
CA GLY B 252 -22.66 -1.07 4.06
C GLY B 252 -21.16 -1.28 4.22
N PHE B 253 -20.73 -1.61 5.43
CA PHE B 253 -19.31 -1.85 5.66
C PHE B 253 -18.75 -2.94 4.75
N PHE B 254 -19.61 -3.75 4.14
CA PHE B 254 -19.14 -4.81 3.26
C PHE B 254 -19.35 -4.51 1.79
N LYS B 255 -19.77 -3.29 1.47
CA LYS B 255 -19.99 -2.90 0.08
C LYS B 255 -18.97 -1.85 -0.35
N PRO B 256 -18.31 -2.08 -1.49
CA PRO B 256 -17.32 -1.11 -1.98
C PRO B 256 -17.97 0.25 -2.08
N LYS B 257 -17.24 1.29 -1.67
CA LYS B 257 -17.79 2.63 -1.71
C LYS B 257 -17.85 3.10 -3.18
N HIS B 258 -18.99 3.65 -3.57
CA HIS B 258 -19.19 4.14 -4.94
C HIS B 258 -18.25 5.30 -5.29
N PRO B 259 -17.56 5.20 -6.44
CA PRO B 259 -16.63 6.23 -6.90
C PRO B 259 -17.13 7.67 -6.70
N LEU B 260 -18.41 7.88 -6.99
CA LEU B 260 -19.06 9.19 -6.87
C LEU B 260 -18.23 10.34 -7.44
N GLU B 261 -18.22 10.44 -8.78
CA GLU B 261 -17.47 11.50 -9.46
C GLU B 261 -18.09 12.85 -9.11
N ILE B 262 -17.38 13.91 -9.45
CA ILE B 262 -17.84 15.27 -9.14
C ILE B 262 -17.64 16.18 -10.33
N GLU B 263 -18.59 17.08 -10.57
CA GLU B 263 -18.42 18.00 -11.69
C GLU B 263 -17.23 18.89 -11.39
N PRO B 264 -16.23 18.89 -12.29
CA PRO B 264 -15.03 19.71 -12.10
C PRO B 264 -15.38 21.17 -11.76
N GLU B 265 -16.64 21.53 -11.92
CA GLU B 265 -17.09 22.89 -11.62
C GLU B 265 -17.27 23.05 -10.10
N ARG B 266 -17.84 22.03 -9.47
CA ARG B 266 -18.02 22.06 -8.03
C ARG B 266 -16.62 22.12 -7.38
N LEU B 267 -15.71 21.29 -7.89
CA LEU B 267 -14.34 21.25 -7.39
C LEU B 267 -13.67 22.63 -7.49
N ARG B 268 -13.92 23.33 -8.59
CA ARG B 268 -13.33 24.64 -8.79
C ARG B 268 -13.78 25.58 -7.68
N LYS B 269 -15.08 25.59 -7.39
CA LYS B 269 -15.62 26.46 -6.35
C LYS B 269 -15.11 26.10 -4.97
N ILE B 270 -14.97 24.81 -4.69
CA ILE B 270 -14.46 24.39 -3.40
C ILE B 270 -13.05 24.94 -3.22
N VAL B 271 -12.18 24.74 -4.20
CA VAL B 271 -10.81 25.24 -4.10
C VAL B 271 -10.80 26.75 -3.96
N GLU B 272 -11.82 27.38 -4.50
CA GLU B 272 -11.95 28.82 -4.43
C GLU B 272 -12.37 29.17 -3.00
N GLU B 273 -13.28 28.36 -2.45
CA GLU B 273 -13.75 28.56 -1.08
C GLU B 273 -12.56 28.44 -0.12
N ARG B 274 -11.80 27.37 -0.27
CA ARG B 274 -10.64 27.11 0.58
C ARG B 274 -9.57 28.19 0.44
N GLY B 275 -9.43 28.74 -0.76
CA GLY B 275 -8.46 29.79 -1.02
C GLY B 275 -7.02 29.35 -1.00
N THR B 276 -6.80 28.06 -1.25
CA THR B 276 -5.45 27.50 -1.25
C THR B 276 -4.84 27.41 -2.65
N ALA B 277 -3.63 26.91 -2.70
CA ALA B 277 -2.94 26.71 -3.96
C ALA B 277 -3.00 25.21 -4.17
N VAL B 278 -3.65 24.78 -5.23
CA VAL B 278 -3.72 23.36 -5.51
C VAL B 278 -3.02 23.16 -6.83
N PHE B 279 -2.14 22.15 -6.88
CA PHE B 279 -1.43 21.91 -8.12
C PHE B 279 -0.87 20.50 -8.20
N ALA B 280 -0.42 20.13 -9.39
CA ALA B 280 0.11 18.80 -9.59
C ALA B 280 1.37 18.79 -10.44
N VAL B 281 2.25 17.84 -10.15
CA VAL B 281 3.46 17.65 -10.91
C VAL B 281 3.10 16.44 -11.77
N LYS B 282 3.04 16.65 -13.08
CA LYS B 282 2.70 15.57 -14.00
C LYS B 282 3.94 15.09 -14.71
N PHE B 283 4.02 13.79 -14.95
CA PHE B 283 5.17 13.20 -15.62
C PHE B 283 4.79 11.81 -16.14
N ARG B 284 5.62 11.24 -17.02
CA ARG B 284 5.31 9.92 -17.57
C ARG B 284 5.56 8.76 -16.63
N LYS B 285 4.60 7.85 -16.58
CA LYS B 285 4.71 6.69 -15.72
C LYS B 285 5.84 5.78 -16.17
N PRO B 286 6.78 5.48 -15.27
CA PRO B 286 7.86 4.59 -15.68
C PRO B 286 7.22 3.21 -15.86
N ASP B 287 7.73 2.43 -16.80
CA ASP B 287 7.19 1.09 -17.02
C ASP B 287 7.79 0.16 -15.96
N ILE B 288 7.09 0.05 -14.84
CA ILE B 288 7.53 -0.78 -13.74
C ILE B 288 6.31 -1.29 -12.99
N VAL B 289 6.51 -2.34 -12.20
CA VAL B 289 5.45 -2.96 -11.42
C VAL B 289 5.08 -2.09 -10.23
N ASP B 290 3.80 -2.08 -9.91
CA ASP B 290 3.27 -1.28 -8.80
C ASP B 290 4.13 -1.34 -7.55
N ASP B 291 4.70 -2.50 -7.26
CA ASP B 291 5.51 -2.61 -6.05
C ASP B 291 6.77 -1.77 -6.09
N ASN B 292 7.17 -1.33 -7.27
CA ASN B 292 8.35 -0.49 -7.37
C ASN B 292 7.94 0.95 -7.60
N LEU B 293 6.81 1.12 -8.28
CA LEU B 293 6.28 2.45 -8.58
C LEU B 293 5.76 3.22 -7.36
N TYR B 294 4.82 2.63 -6.63
CA TYR B 294 4.21 3.33 -5.50
C TYR B 294 5.14 3.73 -4.37
N PRO B 295 6.12 2.88 -4.01
CA PRO B 295 6.98 3.36 -2.93
C PRO B 295 7.73 4.61 -3.42
N GLN B 296 7.89 4.70 -4.74
CA GLN B 296 8.58 5.82 -5.35
C GLN B 296 7.69 7.07 -5.39
N LEU B 297 6.42 6.89 -5.75
CA LEU B 297 5.49 8.00 -5.77
C LEU B 297 5.42 8.57 -4.35
N GLU B 298 5.48 7.69 -3.35
CA GLU B 298 5.43 8.09 -1.95
C GLU B 298 6.65 8.93 -1.57
N ARG B 299 7.82 8.49 -2.03
CA ARG B 299 9.06 9.18 -1.73
C ARG B 299 9.05 10.55 -2.38
N ALA B 300 8.83 10.58 -3.68
CA ALA B 300 8.81 11.83 -4.45
C ALA B 300 7.77 12.80 -3.88
N SER B 301 6.64 12.27 -3.47
CA SER B 301 5.58 13.11 -2.93
C SER B 301 6.09 13.75 -1.63
N ARG B 302 6.66 12.93 -0.77
CA ARG B 302 7.19 13.37 0.51
C ARG B 302 8.28 14.44 0.36
N LYS B 303 9.28 14.14 -0.45
CA LYS B 303 10.41 15.04 -0.67
C LYS B 303 9.97 16.45 -1.07
N ILE B 304 9.00 16.50 -1.97
CA ILE B 304 8.45 17.76 -2.45
C ILE B 304 7.63 18.40 -1.34
N PHE B 305 6.88 17.58 -0.61
CA PHE B 305 6.05 18.07 0.49
C PHE B 305 6.96 18.74 1.52
N GLU B 306 8.06 18.07 1.85
CA GLU B 306 9.04 18.55 2.81
C GLU B 306 9.73 19.82 2.36
N PHE B 307 9.92 19.96 1.05
CA PHE B 307 10.55 21.14 0.48
C PHE B 307 9.57 22.29 0.71
N LEU B 308 8.30 22.00 0.43
CA LEU B 308 7.26 22.98 0.60
C LEU B 308 7.15 23.44 2.05
N GLU B 309 7.26 22.54 3.02
CA GLU B 309 7.13 23.01 4.38
C GLU B 309 8.32 23.85 4.83
N ARG B 310 9.55 23.49 4.48
CA ARG B 310 10.68 24.30 4.94
C ARG B 310 10.82 25.57 4.11
N GLU B 311 10.14 25.58 2.98
CA GLU B 311 10.18 26.73 2.11
C GLU B 311 9.02 27.67 2.50
N ASN B 312 8.35 27.30 3.58
CA ASN B 312 7.22 28.04 4.17
C ASN B 312 5.95 28.27 3.37
N PHE B 313 5.63 27.33 2.48
CA PHE B 313 4.42 27.47 1.69
C PHE B 313 3.23 26.82 2.41
N MET B 314 3.50 26.34 3.62
CA MET B 314 2.48 25.71 4.46
C MET B 314 1.62 24.67 3.75
N PRO B 315 2.24 23.55 3.34
CA PRO B 315 1.49 22.49 2.67
C PRO B 315 0.49 21.92 3.65
N LEU B 316 -0.66 21.48 3.14
CA LEU B 316 -1.70 20.88 3.96
C LEU B 316 -1.57 19.38 3.82
N ARG B 317 -1.72 18.90 2.59
CA ARG B 317 -1.61 17.47 2.34
C ARG B 317 -1.08 17.18 0.95
N SER B 318 -0.62 15.95 0.75
CA SER B 318 -0.12 15.55 -0.55
C SER B 318 -0.89 14.31 -0.95
N ALA B 319 -0.80 13.94 -2.22
CA ALA B 319 -1.47 12.75 -2.74
C ALA B 319 -0.82 12.40 -4.06
N PHE B 320 -1.31 11.36 -4.70
CA PHE B 320 -0.76 10.94 -5.98
C PHE B 320 -1.61 9.88 -6.66
N LYS B 321 -1.64 9.91 -7.99
CA LYS B 321 -2.39 8.94 -8.76
C LYS B 321 -1.55 8.53 -9.96
N ALA B 322 -1.71 7.29 -10.39
CA ALA B 322 -0.97 6.79 -11.53
C ALA B 322 -1.96 6.23 -12.52
N SER B 323 -1.78 6.58 -13.79
CA SER B 323 -2.62 6.09 -14.86
C SER B 323 -1.73 5.20 -15.72
N GLU B 324 -2.29 4.60 -16.76
CA GLU B 324 -1.51 3.75 -17.65
C GLU B 324 -0.51 4.68 -18.34
N GLU B 325 -0.96 5.91 -18.51
CA GLU B 325 -0.26 7.00 -19.16
C GLU B 325 0.78 7.74 -18.31
N PHE B 326 0.27 8.59 -17.42
CA PHE B 326 1.09 9.44 -16.56
C PHE B 326 0.91 9.19 -15.07
N CYS B 327 1.66 9.96 -14.28
CA CYS B 327 1.62 9.92 -12.83
C CYS B 327 1.43 11.35 -12.37
N TYR B 328 0.67 11.54 -11.30
CA TYR B 328 0.44 12.87 -10.79
C TYR B 328 0.76 12.96 -9.30
N LEU B 329 1.47 14.00 -8.91
CA LEU B 329 1.79 14.25 -7.51
C LEU B 329 0.99 15.49 -7.17
N LEU B 330 0.04 15.37 -6.24
CA LEU B 330 -0.78 16.51 -5.88
C LEU B 330 -0.43 17.15 -4.56
N PHE B 331 -0.55 18.48 -4.51
CA PHE B 331 -0.27 19.22 -3.29
C PHE B 331 -1.28 20.33 -3.14
N GLU B 332 -1.44 20.77 -1.91
CA GLU B 332 -2.34 21.87 -1.60
C GLU B 332 -1.59 22.65 -0.52
N CYS B 333 -1.41 23.95 -0.76
CA CYS B 333 -0.70 24.81 0.16
C CYS B 333 -1.53 25.99 0.61
N GLN B 334 -1.30 26.40 1.85
CA GLN B 334 -2.02 27.53 2.43
C GLN B 334 -1.54 28.85 1.85
N ILE B 335 -0.32 28.85 1.33
CA ILE B 335 0.27 30.06 0.78
C ILE B 335 0.38 30.05 -0.74
N LYS B 336 -0.44 30.85 -1.40
CA LYS B 336 -0.40 30.96 -2.86
C LYS B 336 0.81 31.79 -3.26
N GLU B 337 1.16 32.76 -2.43
CA GLU B 337 2.30 33.61 -2.72
C GLU B 337 2.90 34.19 -1.45
N ILE B 338 4.21 34.15 -1.35
CA ILE B 338 4.90 34.69 -0.19
C ILE B 338 5.74 35.87 -0.67
N SER B 339 6.12 36.74 0.25
CA SER B 339 6.93 37.91 -0.11
C SER B 339 8.28 37.46 -0.64
N ARG B 340 9.01 38.41 -1.22
CA ARG B 340 10.32 38.10 -1.73
C ARG B 340 11.32 38.19 -0.57
N VAL B 341 11.15 39.16 0.33
CA VAL B 341 12.04 39.27 1.49
C VAL B 341 11.63 38.30 2.60
N PHE B 342 12.63 37.93 3.41
CA PHE B 342 12.47 37.05 4.57
C PHE B 342 13.66 37.38 5.46
N ARG B 343 13.66 36.92 6.71
CA ARG B 343 14.79 37.23 7.57
C ARG B 343 15.71 36.07 7.94
N ARG B 344 17.00 36.28 7.75
CA ARG B 344 18.03 35.31 8.06
C ARG B 344 18.61 35.64 9.45
N MET B 345 18.60 34.66 10.34
CA MET B 345 19.12 34.88 11.66
C MET B 345 20.64 34.92 11.59
N GLY B 346 21.22 35.89 12.28
CA GLY B 346 22.65 36.05 12.28
C GLY B 346 23.20 35.81 13.68
N PRO B 347 24.50 36.02 13.88
CA PRO B 347 25.22 35.82 15.15
C PRO B 347 24.85 36.85 16.22
N GLN B 348 25.03 36.47 17.49
CA GLN B 348 24.72 37.38 18.58
C GLN B 348 25.69 38.58 18.49
N PHE B 349 25.26 39.75 18.96
CA PHE B 349 26.06 40.98 18.88
C PHE B 349 27.50 40.96 19.40
N GLU B 350 27.74 40.13 20.41
CA GLU B 350 29.04 40.06 21.05
C GLU B 350 30.09 39.25 20.32
N ASP B 351 29.69 38.55 19.26
CA ASP B 351 30.61 37.73 18.50
C ASP B 351 31.25 38.53 17.36
N GLU B 352 32.02 39.54 17.73
CA GLU B 352 32.68 40.43 16.77
C GLU B 352 33.10 39.74 15.47
N ARG B 353 33.74 38.58 15.61
CA ARG B 353 34.21 37.80 14.48
C ARG B 353 33.12 37.48 13.45
N ASN B 354 32.18 36.63 13.84
CA ASN B 354 31.11 36.21 12.97
C ASN B 354 30.17 37.35 12.58
N VAL B 355 30.09 38.36 13.44
CA VAL B 355 29.25 39.52 13.15
C VAL B 355 29.83 40.17 11.90
N LYS B 356 31.14 40.30 11.89
CA LYS B 356 31.86 40.92 10.78
C LYS B 356 31.67 40.12 9.49
N LYS B 357 31.79 38.81 9.57
CA LYS B 357 31.62 37.99 8.39
C LYS B 357 30.16 38.01 7.92
N PHE B 358 29.24 38.23 8.85
CA PHE B 358 27.82 38.28 8.53
C PHE B 358 27.46 39.59 7.81
N LEU B 359 28.15 40.67 8.16
CA LEU B 359 27.90 41.95 7.53
C LEU B 359 28.73 42.16 6.27
N SER B 360 29.67 41.26 6.00
CA SER B 360 30.53 41.42 4.83
C SER B 360 29.84 41.04 3.54
N ARG B 361 28.74 40.30 3.65
CA ARG B 361 27.98 39.88 2.48
C ARG B 361 27.07 41.04 2.06
N ASN B 362 27.37 41.66 0.93
CA ASN B 362 26.54 42.76 0.47
C ASN B 362 25.15 42.27 0.14
N ARG B 363 24.16 42.89 0.76
CA ARG B 363 22.76 42.54 0.53
C ARG B 363 22.06 43.81 0.06
N ALA B 364 20.80 43.68 -0.30
CA ALA B 364 20.06 44.84 -0.78
C ALA B 364 19.49 45.69 0.34
N PHE B 365 19.36 45.13 1.53
CA PHE B 365 18.73 45.90 2.60
C PHE B 365 19.40 46.28 3.91
N ARG B 366 20.66 45.94 4.13
CA ARG B 366 21.25 46.41 5.39
C ARG B 366 20.64 45.69 6.61
N PRO B 367 21.43 44.83 7.26
CA PRO B 367 20.93 44.10 8.42
C PRO B 367 20.68 44.96 9.66
N PHE B 368 19.97 44.37 10.63
CA PHE B 368 19.61 45.10 11.85
C PHE B 368 19.79 44.24 13.09
N ILE B 369 19.80 44.90 14.25
CA ILE B 369 19.94 44.22 15.53
C ILE B 369 18.57 44.08 16.19
N GLU B 370 18.28 42.89 16.70
CA GLU B 370 17.01 42.64 17.37
C GLU B 370 17.19 41.59 18.45
N ASN B 371 16.75 41.93 19.65
CA ASN B 371 16.84 41.04 20.80
C ASN B 371 18.21 40.44 21.03
N GLY B 372 19.25 41.22 20.77
CA GLY B 372 20.59 40.70 21.04
C GLY B 372 21.39 40.10 19.92
N ARG B 373 20.76 39.79 18.80
CA ARG B 373 21.52 39.24 17.69
C ARG B 373 21.26 39.96 16.39
N TRP B 374 22.08 39.69 15.38
CA TRP B 374 21.90 40.34 14.09
C TRP B 374 20.99 39.54 13.17
N TRP B 375 20.32 40.27 12.29
CA TRP B 375 19.42 39.67 11.32
C TRP B 375 19.62 40.39 9.99
N ALA B 376 19.31 39.69 8.91
CA ALA B 376 19.43 40.29 7.59
C ALA B 376 18.17 39.98 6.78
N PHE B 377 17.84 40.90 5.87
CA PHE B 377 16.70 40.70 4.98
C PHE B 377 17.38 40.12 3.75
N GLU B 378 16.80 39.05 3.22
CA GLU B 378 17.34 38.39 2.05
C GLU B 378 16.18 38.31 1.07
N MET B 379 16.46 37.84 -0.14
CA MET B 379 15.43 37.74 -1.17
C MET B 379 15.29 36.32 -1.69
N ARG B 380 14.06 35.89 -1.92
CA ARG B 380 13.80 34.54 -2.43
C ARG B 380 14.00 34.42 -3.93
N LYS B 381 14.14 33.18 -4.39
CA LYS B 381 14.32 32.91 -5.81
C LYS B 381 12.95 32.66 -6.42
N PHE B 382 11.95 32.46 -5.56
CA PHE B 382 10.58 32.19 -6.01
C PHE B 382 9.63 32.66 -4.94
N THR B 383 8.40 32.95 -5.35
CA THR B 383 7.41 33.43 -4.41
C THR B 383 6.10 32.67 -4.43
N THR B 384 6.03 31.60 -5.22
CA THR B 384 4.83 30.77 -5.26
C THR B 384 5.26 29.31 -5.12
N PRO B 385 4.36 28.43 -4.65
CA PRO B 385 4.69 27.01 -4.49
C PRO B 385 5.10 26.38 -5.83
N GLU B 386 4.30 26.66 -6.85
CA GLU B 386 4.55 26.13 -8.19
C GLU B 386 5.96 26.47 -8.64
N GLU B 387 6.35 27.73 -8.50
CA GLU B 387 7.68 28.16 -8.89
C GLU B 387 8.72 27.36 -8.10
N GLY B 388 8.43 27.13 -6.82
CA GLY B 388 9.34 26.39 -5.97
C GLY B 388 9.50 24.97 -6.45
N VAL B 389 8.39 24.28 -6.61
CA VAL B 389 8.46 22.90 -7.09
C VAL B 389 9.12 22.81 -8.46
N ARG B 390 8.88 23.79 -9.32
CA ARG B 390 9.51 23.76 -10.64
C ARG B 390 11.01 23.78 -10.42
N SER B 391 11.46 24.66 -9.55
CA SER B 391 12.86 24.77 -9.27
C SER B 391 13.37 23.47 -8.64
N TYR B 392 12.70 23.03 -7.58
CA TYR B 392 13.07 21.81 -6.87
C TYR B 392 13.13 20.56 -7.74
N ALA B 393 12.03 20.25 -8.42
CA ALA B 393 11.96 19.08 -9.29
C ALA B 393 13.01 19.11 -10.41
N SER B 394 13.23 20.28 -11.01
CA SER B 394 14.23 20.36 -12.09
C SER B 394 15.66 20.06 -11.62
N THR B 395 15.97 20.38 -10.37
CA THR B 395 17.32 20.15 -9.86
C THR B 395 17.49 18.99 -8.89
N HIS B 396 16.39 18.51 -8.30
CA HIS B 396 16.49 17.40 -7.36
C HIS B 396 15.78 16.14 -7.84
N TRP B 397 15.56 16.05 -9.14
CA TRP B 397 14.89 14.89 -9.74
C TRP B 397 15.49 13.57 -9.27
N HIS B 398 16.81 13.54 -9.10
CA HIS B 398 17.49 12.32 -8.68
C HIS B 398 17.12 11.82 -7.29
N THR B 399 16.51 12.68 -6.49
CA THR B 399 16.17 12.28 -5.13
C THR B 399 14.74 11.78 -5.03
N LEU B 400 14.01 11.81 -6.13
CA LEU B 400 12.60 11.40 -6.12
C LEU B 400 12.25 9.93 -6.37
N GLY B 401 13.24 9.05 -6.28
CA GLY B 401 13.04 7.66 -6.67
C GLY B 401 13.91 7.34 -7.87
N LYS B 402 14.47 6.14 -7.92
CA LYS B 402 15.33 5.75 -9.05
C LYS B 402 14.62 5.91 -10.38
N ASN B 403 13.39 5.43 -10.50
CA ASN B 403 12.67 5.51 -11.76
C ASN B 403 11.78 6.75 -11.90
N VAL B 404 11.01 7.06 -10.86
CA VAL B 404 10.14 8.22 -10.90
C VAL B 404 11.00 9.43 -11.18
N GLY B 405 12.14 9.51 -10.51
CA GLY B 405 13.05 10.63 -10.68
C GLY B 405 13.69 10.72 -12.04
N GLU B 406 14.00 9.57 -12.63
CA GLU B 406 14.61 9.56 -13.95
C GLU B 406 13.58 10.04 -14.96
N SER B 407 12.32 9.78 -14.69
CA SER B 407 11.24 10.20 -15.58
C SER B 407 10.98 11.70 -15.47
N ILE B 408 11.05 12.23 -14.25
CA ILE B 408 10.85 13.66 -14.03
C ILE B 408 12.00 14.45 -14.65
N ARG B 409 13.20 13.88 -14.62
CA ARG B 409 14.36 14.53 -15.21
C ARG B 409 14.14 14.76 -16.71
N GLU B 410 13.57 13.79 -17.41
CA GLU B 410 13.34 13.92 -18.84
C GLU B 410 12.03 14.62 -19.21
N TYR B 411 11.12 14.75 -18.25
CA TYR B 411 9.87 15.45 -18.49
C TYR B 411 8.90 15.56 -17.33
N PHE B 412 8.44 16.77 -17.05
CA PHE B 412 7.44 17.01 -16.02
C PHE B 412 6.91 18.41 -16.23
N GLU B 413 5.73 18.67 -15.69
CA GLU B 413 5.13 19.99 -15.79
C GLU B 413 4.23 20.19 -14.59
N ILE B 414 4.04 21.43 -14.18
CA ILE B 414 3.17 21.71 -13.06
C ILE B 414 1.85 22.20 -13.61
N ILE B 415 0.75 21.61 -13.16
CA ILE B 415 -0.58 21.98 -13.63
C ILE B 415 -1.36 22.55 -12.46
N SER B 416 -2.28 23.46 -12.74
CA SER B 416 -3.13 24.06 -11.72
C SER B 416 -4.26 24.81 -12.40
N GLY B 417 -5.12 25.43 -11.61
CA GLY B 417 -6.23 26.16 -12.18
C GLY B 417 -7.24 25.20 -12.79
N GLU B 418 -7.96 25.66 -13.80
CA GLU B 418 -8.97 24.84 -14.47
C GLU B 418 -8.26 23.66 -15.13
N LYS B 419 -7.16 23.96 -15.81
CA LYS B 419 -6.38 22.94 -16.52
C LYS B 419 -6.07 21.70 -15.66
N LEU B 420 -6.28 21.81 -14.35
CA LEU B 420 -6.02 20.70 -13.45
C LEU B 420 -7.26 19.87 -13.13
N PHE B 421 -8.43 20.51 -13.18
CA PHE B 421 -9.70 19.83 -12.92
C PHE B 421 -10.11 18.98 -14.11
N LYS B 422 -9.38 19.10 -15.21
CA LYS B 422 -9.65 18.32 -16.41
C LYS B 422 -8.81 17.05 -16.40
N GLU B 423 -7.76 17.05 -15.58
CA GLU B 423 -6.89 15.89 -15.47
C GLU B 423 -7.65 14.82 -14.68
N PRO B 424 -7.17 13.57 -14.73
CA PRO B 424 -7.82 12.45 -14.01
C PRO B 424 -7.41 12.37 -12.55
N VAL B 425 -7.61 13.45 -11.79
CA VAL B 425 -7.19 13.45 -10.40
C VAL B 425 -8.22 13.96 -9.41
N THR B 426 -9.37 14.40 -9.92
CA THR B 426 -10.39 14.96 -9.07
C THR B 426 -10.82 14.05 -7.91
N ALA B 427 -10.84 12.75 -8.15
CA ALA B 427 -11.24 11.84 -7.08
C ALA B 427 -10.20 11.92 -5.96
N GLU B 428 -8.92 11.82 -6.32
CA GLU B 428 -7.82 11.90 -5.38
C GLU B 428 -7.86 13.24 -4.64
N LEU B 429 -8.14 14.32 -5.37
CA LEU B 429 -8.21 15.66 -4.79
C LEU B 429 -9.37 15.85 -3.81
N CYS B 430 -10.50 15.17 -4.05
CA CYS B 430 -11.63 15.29 -3.14
C CYS B 430 -11.31 14.57 -1.83
N GLU B 431 -10.66 13.42 -1.93
CA GLU B 431 -10.27 12.65 -0.75
C GLU B 431 -9.22 13.44 0.02
N MET B 432 -8.29 14.05 -0.73
CA MET B 432 -7.22 14.84 -0.15
C MET B 432 -7.70 16.09 0.60
N MET B 433 -8.81 16.66 0.16
CA MET B 433 -9.35 17.86 0.78
C MET B 433 -10.54 17.63 1.71
N GLY B 434 -10.93 16.37 1.88
CA GLY B 434 -12.05 16.07 2.74
C GLY B 434 -13.39 16.51 2.18
N VAL B 435 -13.47 16.70 0.88
CA VAL B 435 -14.75 17.11 0.29
C VAL B 435 -15.75 16.04 0.70
N LYS B 436 -16.90 16.44 1.23
CA LYS B 436 -17.88 15.42 1.62
C LYS B 436 -19.14 15.36 0.77
N ASP B 437 -20.17 14.68 1.28
CA ASP B 437 -21.43 14.51 0.55
C ASP B 437 -21.25 13.45 -0.55
S SO4 C . -7.99 -14.05 -1.46
O1 SO4 C . -7.06 -15.04 -0.75
O2 SO4 C . -8.53 -14.71 -2.73
O3 SO4 C . -9.09 -13.84 -0.62
O4 SO4 C . -7.11 -13.02 -1.93
S SO4 D . 15.47 11.04 2.71
O1 SO4 D . 15.14 9.65 3.22
O2 SO4 D . 14.96 11.12 1.26
O3 SO4 D . 14.69 11.95 3.47
O4 SO4 D . 16.89 11.08 2.59
#